data_6A40
#
_entry.id   6A40
#
_cell.length_a   106.212
_cell.length_b   106.212
_cell.length_c   100.846
_cell.angle_alpha   90.00
_cell.angle_beta   90.00
_cell.angle_gamma   120.00
#
_symmetry.space_group_name_H-M   'P 61'
#
loop_
_entity.id
_entity.type
_entity.pdbx_description
1 polymer 'alginate lyase AlyF-OU02'
2 branched 'alpha-L-gulopyranuronic acid-(1-4)-alpha-L-gulopyranuronic acid-(1-4)-alpha-L-gulopyranuronic acid-(1-4)-alpha-L-gulopyranuronic acid'
3 water water
#
_entity_poly.entity_id   1
_entity_poly.type   'polypeptide(L)'
_entity_poly.pdbx_seq_one_letter_code
;GPPDLGTDDDDKAMADIASCTTQEKTAPVISVAEQAVPSISEIDRSYLLSSDRLTEVDGNTLDVASEEQVAALKAQFENL
KDGDEVVIPNGKYANLGQVTITANDVTIRAEQAGAAWLTGLIQFELKGDDITLDGLVFTEGGPNERFGAVRMMGNGNTLQ
NSTFYYFNHDYTYEPDERRSEYPKYLWVSLWGKDGKVINNRFEGKQKRGTLIGVQKDDTPDNHLIANNIFMDQKPNQFNE
FDIKEAIRYNGNSWEAIRIGDSKSSQWDSSSKFVNNLMIDMDGERELISIKSGDNTISGNTIFQSAALISLRHGKGNTVE
NNMILGNEKRLTGGIRIYDEDHVIRNNYIANTRGRDGVIEGNADLRGGIVINTGIIDVANGEQLDQSVKGKELNKQWTPK
NITIENNSLVDTEWGIVYGNQSHRVSLFNNAEVEGIYAGVDIAFKHNVVDNSQTPEFVSVRATHDFPLVGATYTDETYVG
QVTDSELIESYSVELPKVTVENGLNAYQGEGADVSKLSVVTAETAGPDYVLENTTK
;
_entity_poly.pdbx_strand_id   A
#
loop_
_chem_comp.id
_chem_comp.type
_chem_comp.name
_chem_comp.formula
LGU L-saccharide, alpha linking 'alpha-L-gulopyranuronic acid' 'C6 H10 O7'
#
# COMPACT_ATOMS: atom_id res chain seq x y z
N SER A 39 21.92 10.60 7.25
CA SER A 39 22.29 10.10 5.89
C SER A 39 21.57 8.77 5.63
N ILE A 40 21.16 8.55 4.38
CA ILE A 40 20.15 7.53 4.03
C ILE A 40 20.35 6.21 4.73
N SER A 41 21.57 5.68 4.66
CA SER A 41 21.91 4.35 5.16
C SER A 41 21.74 4.24 6.68
N GLU A 42 21.89 5.38 7.35
CA GLU A 42 21.79 5.52 8.79
C GLU A 42 20.36 5.83 9.32
N ILE A 43 19.37 5.99 8.45
CA ILE A 43 17.99 6.25 8.91
C ILE A 43 17.50 5.07 9.72
N ASP A 44 16.74 5.32 10.78
CA ASP A 44 16.07 4.23 11.45
C ASP A 44 14.72 4.66 11.90
N ARG A 45 13.98 3.72 12.51
CA ARG A 45 12.59 3.99 12.92
C ARG A 45 12.49 5.13 13.87
N SER A 46 13.41 5.15 14.84
CA SER A 46 13.44 6.20 15.84
C SER A 46 13.52 7.58 15.20
N TYR A 47 14.43 7.76 14.24
CA TYR A 47 14.49 9.04 13.54
C TYR A 47 13.19 9.36 12.79
N LEU A 48 12.67 8.39 12.04
CA LEU A 48 11.44 8.62 11.26
C LEU A 48 10.26 8.95 12.15
N LEU A 49 10.21 8.34 13.35
CA LEU A 49 9.03 8.52 14.19
C LEU A 49 9.14 9.67 15.23
N SER A 50 10.29 10.37 15.28
CA SER A 50 10.52 11.47 16.28
C SER A 50 10.00 12.80 15.80
N SER A 51 9.32 13.51 16.69
CA SER A 51 8.99 14.91 16.43
C SER A 51 8.70 15.59 17.78
N ASP A 52 9.14 16.83 17.93
CA ASP A 52 8.89 17.62 19.15
C ASP A 52 7.45 18.06 19.21
N ARG A 53 6.70 17.94 18.11
CA ARG A 53 5.32 18.35 18.14
C ARG A 53 4.43 17.34 18.88
N LEU A 54 4.96 16.18 19.22
CA LEU A 54 4.06 15.10 19.71
C LEU A 54 3.82 15.09 21.22
N THR A 55 2.56 15.16 21.63
CA THR A 55 2.12 14.93 23.03
C THR A 55 2.10 13.44 23.33
N GLU A 56 2.43 13.04 24.57
CA GLU A 56 2.24 11.67 25.03
C GLU A 56 0.87 11.57 25.70
N VAL A 57 0.09 10.53 25.35
CA VAL A 57 -1.17 10.23 26.03
C VAL A 57 -1.03 8.90 26.72
N ASP A 58 -1.18 8.90 28.04
CA ASP A 58 -0.95 7.69 28.83
C ASP A 58 -2.30 7.04 28.93
N GLY A 59 -2.42 5.82 28.41
CA GLY A 59 -3.69 5.13 28.49
C GLY A 59 -4.07 4.85 29.95
N ASN A 60 -3.06 4.59 30.78
CA ASN A 60 -3.27 4.35 32.21
C ASN A 60 -3.95 5.48 32.96
N THR A 61 -3.88 6.69 32.42
CA THR A 61 -4.57 7.76 33.08
C THR A 61 -5.99 7.91 32.62
N LEU A 62 -6.56 6.92 31.90
CA LEU A 62 -7.92 7.05 31.38
C LEU A 62 -8.86 6.13 32.14
N ASP A 63 -10.07 6.59 32.43
CA ASP A 63 -11.00 5.73 33.14
C ASP A 63 -11.88 4.99 32.17
N VAL A 64 -12.21 3.77 32.54
CA VAL A 64 -13.08 2.87 31.77
C VAL A 64 -14.53 3.29 31.98
N ALA A 65 -15.19 3.72 30.91
CA ALA A 65 -16.59 4.04 30.95
C ALA A 65 -17.44 2.81 31.28
N SER A 66 -18.56 3.06 31.95
CA SER A 66 -19.46 2.01 32.34
C SER A 66 -20.41 1.73 31.18
N GLU A 67 -21.02 0.54 31.24
CA GLU A 67 -22.01 0.13 30.28
C GLU A 67 -23.05 1.22 30.12
N GLU A 68 -23.34 1.92 31.22
CA GLU A 68 -24.29 3.02 31.21
C GLU A 68 -23.76 4.20 30.40
N GLN A 69 -22.52 4.62 30.68
CA GLN A 69 -21.91 5.74 29.96
C GLN A 69 -21.69 5.47 28.45
N VAL A 70 -21.35 4.23 28.10
CA VAL A 70 -21.21 3.79 26.70
C VAL A 70 -22.56 3.89 25.95
N ALA A 71 -23.63 3.36 26.56
CA ALA A 71 -24.99 3.49 26.02
C ALA A 71 -25.39 4.94 25.76
N ALA A 72 -24.98 5.83 26.65
CA ALA A 72 -25.28 7.26 26.58
C ALA A 72 -24.48 7.93 25.46
N LEU A 73 -23.18 7.63 25.41
CA LEU A 73 -22.33 8.04 24.30
C LEU A 73 -22.98 7.56 23.01
N LYS A 74 -23.41 6.30 22.96
CA LYS A 74 -24.07 5.75 21.76
C LYS A 74 -25.33 6.48 21.27
N ALA A 75 -26.23 6.81 22.19
CA ALA A 75 -27.45 7.56 21.84
C ALA A 75 -27.10 8.94 21.31
N GLN A 76 -26.14 9.61 21.96
CA GLN A 76 -25.66 10.92 21.45
C GLN A 76 -25.22 10.84 19.98
N PHE A 77 -24.48 9.77 19.66
CA PHE A 77 -24.01 9.54 18.29
C PHE A 77 -25.19 9.44 17.36
N GLU A 78 -26.15 8.61 17.71
CA GLU A 78 -27.23 8.28 16.81
C GLU A 78 -28.35 9.33 16.71
N ASN A 79 -28.41 10.23 17.70
CA ASN A 79 -29.38 11.33 17.68
C ASN A 79 -28.82 12.66 17.23
N LEU A 80 -27.75 12.65 16.45
CA LEU A 80 -27.12 13.88 15.99
C LEU A 80 -27.99 14.61 14.96
N LYS A 81 -27.99 15.93 15.04
CA LYS A 81 -28.65 16.73 14.02
C LYS A 81 -27.53 17.28 13.15
N ASP A 82 -27.83 17.62 11.91
CA ASP A 82 -26.84 18.23 11.04
C ASP A 82 -26.16 19.42 11.68
N GLY A 83 -24.85 19.52 11.53
CA GLY A 83 -24.10 20.65 12.08
C GLY A 83 -23.60 20.46 13.51
N ASP A 84 -24.08 19.42 14.19
CA ASP A 84 -23.66 19.13 15.57
C ASP A 84 -22.21 18.62 15.69
N GLU A 85 -21.74 18.58 16.93
CA GLU A 85 -20.47 18.01 17.27
C GLU A 85 -20.71 17.04 18.44
N VAL A 86 -19.95 15.95 18.51
CA VAL A 86 -19.92 15.15 19.74
C VAL A 86 -18.47 15.15 20.21
N VAL A 87 -18.26 15.56 21.45
CA VAL A 87 -16.95 15.65 22.05
C VAL A 87 -16.94 14.55 23.07
N ILE A 88 -16.04 13.58 22.87
CA ILE A 88 -15.96 12.40 23.70
C ILE A 88 -14.99 12.68 24.84
N PRO A 89 -15.52 12.71 26.09
CA PRO A 89 -14.68 12.85 27.28
C PRO A 89 -13.61 11.81 27.30
N ASN A 90 -12.40 12.19 27.73
CA ASN A 90 -11.36 11.19 27.94
C ASN A 90 -11.86 9.95 28.67
N GLY A 91 -11.43 8.79 28.21
CA GLY A 91 -11.84 7.51 28.80
C GLY A 91 -11.70 6.38 27.79
N LYS A 92 -11.89 5.17 28.26
CA LYS A 92 -11.90 3.98 27.42
C LYS A 92 -13.31 3.45 27.32
N TYR A 93 -13.82 3.26 26.08
CA TYR A 93 -15.22 2.90 25.81
C TYR A 93 -15.31 1.57 25.05
N ALA A 94 -15.64 0.52 25.81
CA ALA A 94 -15.71 -0.84 25.31
C ALA A 94 -17.02 -1.12 24.57
N ASN A 95 -16.90 -1.81 23.44
CA ASN A 95 -18.04 -2.39 22.76
C ASN A 95 -19.13 -1.45 22.38
N LEU A 96 -18.80 -0.27 21.84
CA LEU A 96 -19.82 0.56 21.21
C LEU A 96 -20.68 -0.16 20.15
N GLY A 97 -20.10 -1.19 19.49
CA GLY A 97 -20.80 -1.96 18.47
C GLY A 97 -21.09 -1.11 17.23
N GLN A 98 -22.30 -1.24 16.75
CA GLN A 98 -22.63 -0.65 15.46
C GLN A 98 -23.10 0.80 15.69
N VAL A 99 -22.34 1.78 15.20
CA VAL A 99 -22.67 3.18 15.40
C VAL A 99 -22.96 3.83 14.05
N THR A 100 -24.26 4.03 13.72
CA THR A 100 -24.69 4.63 12.42
C THR A 100 -24.88 6.16 12.48
N ILE A 101 -24.11 6.90 11.69
CA ILE A 101 -24.18 8.37 11.69
C ILE A 101 -24.91 8.74 10.40
N THR A 102 -26.15 9.26 10.51
CA THR A 102 -26.95 9.61 9.32
C THR A 102 -26.95 11.10 9.05
N ALA A 103 -26.61 11.89 10.07
CA ALA A 103 -26.46 13.36 9.95
C ALA A 103 -25.34 13.84 9.02
N ASN A 104 -25.51 15.05 8.47
CA ASN A 104 -24.49 15.71 7.68
C ASN A 104 -23.78 16.76 8.51
N ASP A 105 -22.56 17.09 8.10
CA ASP A 105 -21.81 18.16 8.69
C ASP A 105 -21.59 18.05 10.19
N VAL A 106 -21.25 16.85 10.65
CA VAL A 106 -20.98 16.60 12.05
C VAL A 106 -19.52 16.24 12.27
N THR A 107 -19.01 16.57 13.45
CA THR A 107 -17.69 16.20 13.88
C THR A 107 -17.87 15.35 15.11
N ILE A 108 -17.22 14.19 15.10
CA ILE A 108 -17.03 13.39 16.28
C ILE A 108 -15.55 13.40 16.66
N ARG A 109 -15.25 13.94 17.84
CA ARG A 109 -13.86 14.15 18.21
C ARG A 109 -13.57 13.83 19.67
N ALA A 110 -12.33 13.49 19.99
CA ALA A 110 -11.91 13.29 21.37
C ALA A 110 -11.75 14.68 22.02
N GLU A 111 -12.03 14.76 23.32
CA GLU A 111 -11.91 16.04 24.02
C GLU A 111 -10.44 16.45 24.04
N GLN A 112 -9.56 15.50 24.32
CA GLN A 112 -8.16 15.69 24.12
C GLN A 112 -7.73 14.65 23.05
N ALA A 113 -7.02 15.09 22.01
CA ALA A 113 -6.66 14.15 20.93
C ALA A 113 -5.94 12.90 21.48
N GLY A 114 -6.39 11.71 21.09
CA GLY A 114 -5.71 10.48 21.49
C GLY A 114 -6.19 9.88 22.81
N ALA A 115 -7.14 10.54 23.46
CA ALA A 115 -7.48 10.16 24.85
C ALA A 115 -8.91 9.63 24.94
N ALA A 116 -9.51 9.38 23.77
CA ALA A 116 -10.77 8.65 23.69
C ALA A 116 -10.50 7.29 23.02
N TRP A 117 -10.36 6.24 23.83
CA TRP A 117 -9.96 4.91 23.35
C TRP A 117 -11.22 4.09 23.17
N LEU A 118 -11.40 3.53 21.98
CA LEU A 118 -12.58 2.77 21.67
C LEU A 118 -12.13 1.35 21.53
N THR A 119 -12.64 0.50 22.42
CA THR A 119 -12.16 -0.85 22.48
C THR A 119 -13.30 -1.87 22.24
N GLY A 120 -12.97 -3.14 22.30
CA GLY A 120 -13.94 -4.18 21.95
C GLY A 120 -14.40 -4.02 20.51
N LEU A 121 -15.64 -4.45 20.23
CA LEU A 121 -16.18 -4.40 18.88
C LEU A 121 -16.84 -3.06 18.60
N ILE A 122 -16.49 -2.42 17.47
CA ILE A 122 -17.09 -1.12 17.08
C ILE A 122 -17.03 -0.95 15.55
N GLN A 123 -18.06 -0.38 14.93
CA GLN A 123 -17.92 0.15 13.55
C GLN A 123 -18.71 1.45 13.49
N PHE A 124 -18.04 2.53 13.10
CA PHE A 124 -18.74 3.76 12.72
C PHE A 124 -19.19 3.58 11.28
N GLU A 125 -20.49 3.57 11.05
CA GLU A 125 -20.96 3.55 9.67
C GLU A 125 -21.40 4.97 9.29
N LEU A 126 -20.59 5.63 8.47
CA LEU A 126 -20.77 7.06 8.21
C LEU A 126 -21.60 7.17 6.96
N LYS A 127 -22.93 7.35 7.13
CA LYS A 127 -23.83 7.45 5.97
C LYS A 127 -24.06 8.88 5.49
N GLY A 128 -24.02 9.87 6.39
CA GLY A 128 -24.17 11.28 5.99
C GLY A 128 -22.95 11.83 5.26
N ASP A 129 -23.08 13.05 4.72
CA ASP A 129 -22.00 13.72 4.03
C ASP A 129 -21.26 14.59 5.03
N ASP A 130 -20.01 14.94 4.73
CA ASP A 130 -19.25 15.90 5.55
C ASP A 130 -19.19 15.51 7.06
N ILE A 131 -18.98 14.21 7.33
CA ILE A 131 -18.75 13.76 8.68
C ILE A 131 -17.23 13.68 8.92
N THR A 132 -16.78 14.18 10.07
CA THR A 132 -15.38 14.12 10.44
C THR A 132 -15.21 13.34 11.72
N LEU A 133 -14.35 12.32 11.70
CA LEU A 133 -13.89 11.69 12.96
C LEU A 133 -12.51 12.19 13.24
N ASP A 134 -12.25 12.58 14.49
CA ASP A 134 -11.04 13.32 14.80
C ASP A 134 -10.45 12.96 16.14
N GLY A 135 -9.21 12.54 16.14
CA GLY A 135 -8.51 12.24 17.39
C GLY A 135 -8.90 10.96 18.11
N LEU A 136 -9.49 9.99 17.41
CA LEU A 136 -9.91 8.72 18.05
C LEU A 136 -8.83 7.67 18.10
N VAL A 137 -8.93 6.76 19.06
CA VAL A 137 -8.09 5.58 19.18
C VAL A 137 -8.95 4.32 19.08
N PHE A 138 -8.51 3.38 18.23
CA PHE A 138 -9.14 2.08 18.11
C PHE A 138 -8.07 1.07 18.48
N THR A 139 -8.29 0.35 19.60
CA THR A 139 -7.31 -0.60 20.11
C THR A 139 -8.02 -1.63 21.01
N GLU A 140 -7.35 -2.76 21.27
CA GLU A 140 -7.89 -3.79 22.19
C GLU A 140 -9.32 -4.17 21.82
N GLY A 141 -9.51 -4.45 20.53
CA GLY A 141 -10.82 -4.70 20.01
C GLY A 141 -10.63 -4.94 18.50
N GLY A 142 -11.73 -4.81 17.77
CA GLY A 142 -11.73 -5.13 16.36
C GLY A 142 -13.01 -4.59 15.76
N PRO A 143 -13.06 -4.61 14.41
CA PRO A 143 -14.22 -4.08 13.71
C PRO A 143 -15.48 -4.93 13.96
N ASN A 144 -16.62 -4.27 14.09
CA ASN A 144 -17.88 -4.96 14.40
C ASN A 144 -18.44 -5.57 13.14
N GLU A 145 -18.00 -5.12 11.96
CA GLU A 145 -18.38 -5.75 10.70
C GLU A 145 -17.11 -5.69 9.80
N ARG A 146 -16.98 -6.59 8.82
CA ARG A 146 -15.61 -6.81 8.28
C ARG A 146 -15.03 -5.66 7.44
N PHE A 147 -15.89 -4.70 7.03
CA PHE A 147 -15.39 -3.52 6.26
C PHE A 147 -14.86 -2.37 7.14
N GLY A 148 -14.67 -2.66 8.44
CA GLY A 148 -13.76 -1.92 9.29
C GLY A 148 -14.32 -1.22 10.51
N ALA A 149 -13.43 -0.59 11.26
CA ALA A 149 -13.86 0.27 12.39
C ALA A 149 -14.60 1.50 11.84
N VAL A 150 -14.25 1.92 10.62
CA VAL A 150 -14.79 3.15 10.03
C VAL A 150 -15.20 2.85 8.58
N ARG A 151 -16.49 2.88 8.32
CA ARG A 151 -17.03 2.66 6.98
C ARG A 151 -17.44 4.07 6.50
N MET A 152 -16.66 4.64 5.59
CA MET A 152 -16.91 6.02 5.15
C MET A 152 -17.80 5.94 3.90
N MET A 153 -19.12 6.00 4.10
CA MET A 153 -20.04 5.73 3.00
C MET A 153 -20.55 7.02 2.34
N GLY A 154 -20.59 8.12 3.07
CA GLY A 154 -21.01 9.40 2.47
C GLY A 154 -19.92 10.13 1.65
N ASN A 155 -20.28 11.34 1.15
CA ASN A 155 -19.33 12.19 0.43
C ASN A 155 -18.64 13.14 1.37
N GLY A 156 -17.40 13.51 1.10
CA GLY A 156 -16.68 14.39 2.00
C GLY A 156 -16.50 13.87 3.42
N ASN A 157 -16.43 12.55 3.61
CA ASN A 157 -16.14 12.02 4.93
C ASN A 157 -14.60 12.10 5.20
N THR A 158 -14.23 12.35 6.44
CA THR A 158 -12.84 12.48 6.87
C THR A 158 -12.52 11.68 8.12
N LEU A 159 -11.37 11.01 8.09
CA LEU A 159 -10.86 10.40 9.28
C LEU A 159 -9.50 11.04 9.53
N GLN A 160 -9.30 11.73 10.67
CA GLN A 160 -8.05 12.44 10.88
C GLN A 160 -7.55 12.34 12.30
N ASN A 161 -6.25 12.47 12.46
CA ASN A 161 -5.58 12.49 13.77
C ASN A 161 -5.88 11.30 14.63
N SER A 162 -6.14 10.14 14.00
CA SER A 162 -6.61 9.01 14.78
C SER A 162 -5.58 7.89 14.74
N THR A 163 -5.67 6.98 15.69
CA THR A 163 -4.72 5.89 15.83
C THR A 163 -5.39 4.55 15.95
N PHE A 164 -4.98 3.60 15.10
CA PHE A 164 -5.31 2.19 15.26
C PHE A 164 -4.11 1.50 15.81
N TYR A 165 -4.28 0.80 16.93
CA TYR A 165 -3.16 0.11 17.54
C TYR A 165 -3.53 -1.34 17.75
N TYR A 166 -3.04 -2.20 16.86
CA TYR A 166 -3.28 -3.64 16.99
C TYR A 166 -4.75 -4.01 17.17
N PHE A 167 -5.58 -3.44 16.29
CA PHE A 167 -7.02 -3.62 16.35
C PHE A 167 -7.41 -4.93 15.69
N ASN A 168 -6.96 -6.04 16.27
CA ASN A 168 -7.05 -7.35 15.64
C ASN A 168 -7.90 -8.31 16.45
N HIS A 169 -8.78 -7.84 17.32
CA HIS A 169 -9.28 -8.77 18.36
C HIS A 169 -10.80 -8.81 18.42
N ASP A 170 -11.32 -9.83 19.09
CA ASP A 170 -12.72 -9.90 19.49
C ASP A 170 -13.73 -10.34 18.42
N TYR A 171 -13.29 -10.44 17.17
CA TYR A 171 -14.14 -10.99 16.14
C TYR A 171 -13.67 -12.42 15.83
N THR A 172 -14.59 -13.27 15.41
CA THR A 172 -14.27 -14.66 15.11
C THR A 172 -13.26 -14.74 13.99
N TYR A 173 -12.28 -15.63 14.11
CA TYR A 173 -11.18 -15.63 13.17
C TYR A 173 -10.70 -17.03 12.96
N GLU A 174 -11.38 -17.77 12.11
CA GLU A 174 -11.16 -19.20 11.97
C GLU A 174 -11.04 -19.56 10.48
N PRO A 175 -10.29 -20.63 10.13
CA PRO A 175 -10.39 -21.09 8.73
C PRO A 175 -11.81 -21.52 8.43
N ASP A 176 -12.39 -21.05 7.33
CA ASP A 176 -13.77 -21.41 7.03
C ASP A 176 -13.96 -22.91 6.63
N GLU A 177 -15.22 -23.36 6.69
CA GLU A 177 -15.59 -24.71 6.29
C GLU A 177 -15.36 -24.97 4.81
N ARG A 178 -15.68 -24.02 3.93
CA ARG A 178 -15.62 -24.26 2.48
C ARG A 178 -14.17 -24.52 2.05
N ARG A 179 -13.25 -23.64 2.46
CA ARG A 179 -11.86 -23.84 1.97
C ARG A 179 -10.73 -23.47 2.91
N SER A 180 -11.03 -23.38 4.20
CA SER A 180 -10.04 -23.10 5.24
C SER A 180 -9.45 -21.68 5.04
N GLU A 181 -10.27 -20.79 4.52
CA GLU A 181 -9.88 -19.38 4.32
C GLU A 181 -10.21 -18.57 5.60
N TYR A 182 -9.25 -17.79 6.09
CA TYR A 182 -9.51 -16.88 7.24
C TYR A 182 -10.21 -15.62 6.75
N PRO A 183 -11.09 -15.02 7.58
CA PRO A 183 -11.86 -13.87 7.05
C PRO A 183 -11.00 -12.62 6.89
N LYS A 184 -11.28 -11.85 5.85
CA LYS A 184 -10.62 -10.56 5.62
C LYS A 184 -11.40 -9.46 6.39
N TYR A 185 -10.75 -8.85 7.39
CA TYR A 185 -11.30 -7.72 8.11
C TYR A 185 -10.46 -6.49 7.77
N LEU A 186 -11.10 -5.44 7.30
CA LEU A 186 -10.39 -4.21 6.99
C LEU A 186 -10.40 -3.37 8.25
N TRP A 187 -9.66 -2.26 8.26
CA TRP A 187 -9.79 -1.28 9.32
C TRP A 187 -10.58 -0.03 8.91
N VAL A 188 -10.31 0.49 7.70
CA VAL A 188 -11.07 1.62 7.18
C VAL A 188 -11.50 1.28 5.75
N SER A 189 -12.73 1.62 5.41
CA SER A 189 -13.16 1.46 4.00
C SER A 189 -13.86 2.75 3.52
N LEU A 190 -13.74 3.01 2.21
CA LEU A 190 -14.27 4.25 1.62
C LEU A 190 -15.19 3.82 0.46
N TRP A 191 -16.45 4.26 0.55
CA TRP A 191 -17.45 3.82 -0.37
C TRP A 191 -18.07 5.05 -1.07
N GLY A 192 -17.73 6.24 -0.63
CA GLY A 192 -18.33 7.47 -1.23
C GLY A 192 -17.35 8.22 -2.10
N LYS A 193 -17.47 9.55 -2.08
CA LYS A 193 -16.66 10.44 -2.87
C LYS A 193 -15.92 11.42 -1.99
N ASP A 194 -14.73 11.88 -2.48
CA ASP A 194 -13.94 12.93 -1.77
C ASP A 194 -13.69 12.59 -0.31
N GLY A 195 -13.29 11.34 -0.03
CA GLY A 195 -12.94 10.97 1.32
C GLY A 195 -11.52 11.48 1.59
N LYS A 196 -11.23 11.75 2.85
CA LYS A 196 -9.88 12.08 3.22
C LYS A 196 -9.55 11.20 4.40
N VAL A 197 -8.38 10.57 4.38
CA VAL A 197 -7.84 9.79 5.48
C VAL A 197 -6.46 10.41 5.65
N ILE A 198 -6.33 11.25 6.68
CA ILE A 198 -5.16 12.14 6.80
C ILE A 198 -4.64 12.20 8.22
N ASN A 199 -3.31 12.18 8.35
CA ASN A 199 -2.69 12.35 9.66
C ASN A 199 -3.09 11.33 10.71
N ASN A 200 -3.21 10.08 10.27
CA ASN A 200 -3.50 9.00 11.24
C ASN A 200 -2.30 8.09 11.41
N ARG A 201 -2.37 7.20 12.39
CA ARG A 201 -1.39 6.18 12.57
C ARG A 201 -2.10 4.84 12.52
N PHE A 202 -1.64 3.95 11.66
CA PHE A 202 -2.27 2.64 11.52
C PHE A 202 -1.17 1.64 11.85
N GLU A 203 -1.17 1.19 13.10
CA GLU A 203 -0.04 0.40 13.62
C GLU A 203 -0.48 -1.06 14.00
N GLY A 204 0.27 -2.05 13.52
CA GLY A 204 0.12 -3.43 13.95
C GLY A 204 -1.08 -4.20 13.38
N LYS A 205 -1.45 -3.99 12.10
CA LYS A 205 -2.54 -4.84 11.54
C LYS A 205 -1.96 -6.25 11.33
N GLN A 206 -2.44 -7.23 12.07
CA GLN A 206 -1.75 -8.53 12.06
C GLN A 206 -2.72 -9.69 11.96
N LYS A 207 -3.90 -9.43 11.36
CA LYS A 207 -4.76 -10.54 10.87
C LYS A 207 -5.16 -10.17 9.43
N ARG A 208 -5.70 -11.14 8.71
CA ARG A 208 -5.93 -11.01 7.27
C ARG A 208 -6.85 -9.82 6.91
N GLY A 209 -6.62 -9.21 5.76
CA GLY A 209 -7.53 -8.16 5.25
C GLY A 209 -6.73 -6.91 4.98
N THR A 210 -7.07 -6.20 3.91
CA THR A 210 -6.40 -4.92 3.58
C THR A 210 -6.71 -3.91 4.67
N LEU A 211 -5.73 -3.06 5.01
CA LEU A 211 -5.91 -2.16 6.15
C LEU A 211 -6.93 -1.05 5.72
N ILE A 212 -6.72 -0.45 4.55
CA ILE A 212 -7.70 0.51 4.01
C ILE A 212 -8.21 -0.08 2.66
N GLY A 213 -9.52 -0.12 2.47
CA GLY A 213 -10.03 -0.60 1.16
C GLY A 213 -10.89 0.52 0.53
N VAL A 214 -10.71 0.76 -0.76
CA VAL A 214 -11.58 1.71 -1.47
C VAL A 214 -12.55 0.82 -2.30
N GLN A 215 -13.84 0.99 -2.01
CA GLN A 215 -14.92 0.17 -2.60
C GLN A 215 -15.65 1.18 -3.50
N LYS A 216 -15.33 1.17 -4.76
CA LYS A 216 -15.76 2.32 -5.58
C LYS A 216 -16.83 1.88 -6.59
N ASP A 217 -17.38 2.87 -7.30
CA ASP A 217 -18.25 2.57 -8.44
C ASP A 217 -17.61 3.04 -9.74
N ASP A 218 -18.47 3.35 -10.72
CA ASP A 218 -18.02 3.73 -12.06
C ASP A 218 -17.55 5.16 -12.31
N THR A 219 -17.55 6.04 -11.32
CA THR A 219 -17.08 7.39 -11.55
C THR A 219 -15.82 7.61 -10.70
N PRO A 220 -15.07 8.66 -10.98
CA PRO A 220 -13.87 9.00 -10.16
C PRO A 220 -14.26 9.22 -8.71
N ASP A 221 -13.38 8.80 -7.79
CA ASP A 221 -13.66 8.96 -6.34
C ASP A 221 -12.97 10.14 -5.71
N ASN A 222 -11.77 10.48 -6.22
CA ASN A 222 -10.98 11.61 -5.71
C ASN A 222 -10.72 11.55 -4.21
N HIS A 223 -10.39 10.36 -3.71
CA HIS A 223 -10.03 10.25 -2.33
C HIS A 223 -8.60 10.74 -2.12
N LEU A 224 -8.34 11.19 -0.91
CA LEU A 224 -6.95 11.62 -0.48
C LEU A 224 -6.55 10.84 0.74
N ILE A 225 -5.50 10.01 0.60
CA ILE A 225 -4.96 9.26 1.71
C ILE A 225 -3.51 9.78 1.85
N ALA A 226 -3.28 10.62 2.85
CA ALA A 226 -2.04 11.41 2.90
C ALA A 226 -1.58 11.63 4.35
N ASN A 227 -0.27 11.75 4.53
CA ASN A 227 0.33 12.16 5.80
C ASN A 227 0.00 11.16 6.90
N ASN A 228 -0.14 9.88 6.55
CA ASN A 228 -0.37 8.87 7.60
C ASN A 228 0.90 8.10 7.88
N ILE A 229 0.94 7.50 9.10
CA ILE A 229 1.97 6.58 9.44
C ILE A 229 1.41 5.17 9.39
N PHE A 230 2.11 4.23 8.71
CA PHE A 230 1.67 2.84 8.68
C PHE A 230 2.84 2.05 9.25
N MET A 231 2.64 1.19 10.24
CA MET A 231 3.73 0.42 10.79
C MET A 231 3.31 -1.01 11.11
N ASP A 232 4.26 -1.93 10.91
CA ASP A 232 4.19 -3.28 11.46
C ASP A 232 2.98 -4.12 11.09
N GLN A 233 2.52 -4.00 9.85
CA GLN A 233 1.61 -5.00 9.32
C GLN A 233 2.41 -6.25 9.01
N LYS A 234 1.90 -7.41 9.44
CA LYS A 234 2.56 -8.69 9.06
C LYS A 234 1.64 -9.87 9.24
N PRO A 235 1.88 -10.93 8.46
CA PRO A 235 0.99 -12.06 8.37
C PRO A 235 1.46 -13.24 9.22
N ASN A 236 0.61 -14.25 9.28
CA ASN A 236 0.98 -15.51 9.94
C ASN A 236 1.40 -15.32 11.37
N GLN A 237 0.73 -14.42 12.08
CA GLN A 237 0.90 -14.32 13.53
C GLN A 237 0.00 -15.28 14.31
N PHE A 238 -0.92 -15.97 13.63
CA PHE A 238 -1.82 -16.90 14.26
C PHE A 238 -1.89 -18.21 13.55
N ASN A 239 -0.75 -18.66 12.99
CA ASN A 239 -0.64 -19.95 12.30
C ASN A 239 -1.48 -20.10 11.11
N GLU A 240 -1.83 -19.00 10.45
CA GLU A 240 -2.74 -19.11 9.33
C GLU A 240 -2.09 -19.95 8.21
N PHE A 241 -0.77 -19.86 8.13
CA PHE A 241 -0.05 -20.47 7.02
C PHE A 241 0.17 -21.97 7.26
N ASP A 242 -0.17 -22.46 8.46
CA ASP A 242 0.00 -23.90 8.75
C ASP A 242 -0.87 -24.76 7.90
N ILE A 243 -1.92 -24.19 7.34
CA ILE A 243 -2.77 -24.93 6.48
C ILE A 243 -2.18 -24.81 5.06
N LYS A 244 -1.29 -25.75 4.70
CA LYS A 244 -0.50 -25.66 3.48
C LYS A 244 -1.32 -25.53 2.21
N GLU A 245 -2.42 -26.26 2.12
CA GLU A 245 -3.25 -26.28 0.89
C GLU A 245 -3.94 -24.94 0.63
N ALA A 246 -4.08 -24.16 1.68
CA ALA A 246 -4.82 -22.88 1.57
C ALA A 246 -3.89 -21.65 1.51
N ILE A 247 -2.58 -21.88 1.46
CA ILE A 247 -1.61 -20.80 1.66
C ILE A 247 -1.70 -19.70 0.58
N ARG A 248 -2.04 -20.05 -0.68
CA ARG A 248 -1.98 -19.01 -1.73
C ARG A 248 -2.97 -17.87 -1.48
N TYR A 249 -4.12 -18.20 -0.93
CA TYR A 249 -5.09 -17.18 -0.63
C TYR A 249 -4.99 -16.71 0.79
N ASN A 250 -4.81 -17.60 1.76
CA ASN A 250 -4.57 -17.11 3.11
C ASN A 250 -3.34 -16.13 3.24
N GLY A 251 -2.31 -16.32 2.40
CA GLY A 251 -1.14 -15.41 2.41
C GLY A 251 -1.39 -14.17 1.50
N ASN A 252 -2.62 -14.06 0.96
CA ASN A 252 -3.00 -12.92 0.14
C ASN A 252 -4.03 -12.04 0.84
N SER A 253 -4.11 -10.76 0.43
CA SER A 253 -5.08 -9.78 1.03
C SER A 253 -4.59 -9.29 2.40
N TRP A 254 -3.35 -8.81 2.42
CA TRP A 254 -2.79 -8.16 3.58
C TRP A 254 -2.22 -6.83 3.14
N GLU A 255 -2.86 -6.15 2.19
CA GLU A 255 -2.24 -4.90 1.74
C GLU A 255 -2.42 -3.78 2.79
N ALA A 256 -1.64 -2.71 2.65
CA ALA A 256 -1.86 -1.51 3.48
C ALA A 256 -3.03 -0.75 2.93
N ILE A 257 -3.15 -0.76 1.58
CA ILE A 257 -4.30 -0.12 0.96
C ILE A 257 -4.56 -0.78 -0.38
N ARG A 258 -5.85 -0.90 -0.71
CA ARG A 258 -6.25 -1.41 -2.03
C ARG A 258 -7.15 -0.34 -2.59
N ILE A 259 -6.79 0.23 -3.74
CA ILE A 259 -7.65 1.29 -4.34
C ILE A 259 -8.41 0.68 -5.55
N GLY A 260 -9.66 0.31 -5.32
CA GLY A 260 -10.47 -0.27 -6.39
C GLY A 260 -10.48 -1.77 -6.20
N ASP A 261 -10.95 -2.52 -7.19
CA ASP A 261 -10.88 -3.98 -7.08
C ASP A 261 -11.08 -4.56 -8.47
N SER A 262 -11.12 -5.89 -8.65
CA SER A 262 -11.08 -6.39 -10.06
C SER A 262 -12.35 -5.92 -10.83
N LYS A 263 -13.54 -5.98 -10.21
CA LYS A 263 -14.74 -5.57 -10.95
C LYS A 263 -14.74 -4.12 -11.31
N SER A 264 -14.17 -3.29 -10.43
N SER A 264 -14.14 -3.27 -10.46
CA SER A 264 -14.18 -1.83 -10.68
CA SER A 264 -14.14 -1.82 -10.71
C SER A 264 -12.95 -1.32 -11.42
C SER A 264 -12.96 -1.32 -11.51
N SER A 265 -12.06 -2.21 -11.84
CA SER A 265 -10.69 -1.78 -12.16
C SER A 265 -10.57 -1.06 -13.46
N GLN A 266 -11.56 -1.24 -14.35
CA GLN A 266 -11.50 -0.62 -15.63
C GLN A 266 -12.16 0.80 -15.61
N TRP A 267 -12.41 1.34 -14.43
CA TRP A 267 -12.88 2.72 -14.27
C TRP A 267 -11.84 3.55 -13.50
N ASP A 268 -11.86 4.86 -13.71
CA ASP A 268 -10.95 5.73 -12.93
C ASP A 268 -11.40 5.91 -11.50
N SER A 269 -10.43 5.88 -10.57
CA SER A 269 -10.67 6.31 -9.22
C SER A 269 -10.16 7.77 -9.04
N SER A 270 -9.03 8.11 -9.68
CA SER A 270 -8.42 9.45 -9.54
C SER A 270 -8.10 9.77 -8.07
N SER A 271 -7.67 8.75 -7.28
CA SER A 271 -7.40 8.93 -5.88
C SER A 271 -5.90 9.08 -5.66
N LYS A 272 -5.52 9.60 -4.49
CA LYS A 272 -4.11 9.93 -4.25
C LYS A 272 -3.67 9.24 -3.00
N PHE A 273 -2.54 8.53 -3.08
CA PHE A 273 -1.91 7.97 -1.91
C PHE A 273 -0.52 8.65 -1.84
N VAL A 274 -0.42 9.71 -1.02
CA VAL A 274 0.72 10.63 -1.09
C VAL A 274 1.29 10.96 0.28
N ASN A 275 2.61 11.17 0.37
CA ASN A 275 3.23 11.68 1.58
C ASN A 275 3.00 10.87 2.81
N ASN A 276 2.87 9.54 2.65
CA ASN A 276 2.72 8.65 3.81
C ASN A 276 4.08 8.08 4.21
N LEU A 277 4.17 7.62 5.46
CA LEU A 277 5.38 7.05 6.00
C LEU A 277 4.98 5.62 6.33
N MET A 278 5.72 4.63 5.78
CA MET A 278 5.40 3.21 5.98
C MET A 278 6.68 2.57 6.48
N ILE A 279 6.56 1.84 7.60
CA ILE A 279 7.71 1.29 8.31
C ILE A 279 7.41 -0.17 8.61
N ASP A 280 8.31 -1.05 8.22
CA ASP A 280 8.19 -2.48 8.47
C ASP A 280 6.77 -2.97 8.09
N MET A 281 6.33 -2.58 6.91
CA MET A 281 5.03 -3.05 6.42
C MET A 281 5.31 -4.29 5.58
N ASP A 282 5.00 -5.48 6.13
CA ASP A 282 5.39 -6.73 5.55
C ASP A 282 4.20 -7.64 5.31
N GLY A 283 3.04 -7.08 5.04
CA GLY A 283 1.80 -7.87 5.01
C GLY A 283 1.85 -8.97 3.98
N GLU A 284 2.24 -8.63 2.76
CA GLU A 284 2.19 -9.56 1.64
C GLU A 284 2.97 -8.98 0.50
N ARG A 285 2.95 -9.70 -0.64
CA ARG A 285 3.60 -9.25 -1.84
C ARG A 285 3.25 -7.81 -2.29
N GLU A 286 1.97 -7.43 -2.19
CA GLU A 286 1.52 -6.04 -2.45
C GLU A 286 1.41 -5.19 -1.19
N LEU A 287 2.24 -4.14 -1.12
CA LEU A 287 2.15 -3.12 -0.07
C LEU A 287 0.92 -2.25 -0.35
N ILE A 288 0.78 -1.86 -1.60
CA ILE A 288 -0.34 -0.98 -2.04
C ILE A 288 -0.80 -1.73 -3.29
N SER A 289 -2.09 -2.07 -3.32
CA SER A 289 -2.63 -2.68 -4.54
C SER A 289 -3.49 -1.63 -5.24
N ILE A 290 -3.05 -1.20 -6.39
CA ILE A 290 -3.87 -0.26 -7.20
C ILE A 290 -4.68 -1.08 -8.16
N LYS A 291 -6.01 -0.95 -8.07
CA LYS A 291 -6.93 -1.76 -8.86
C LYS A 291 -8.04 -0.86 -9.49
N SER A 292 -7.62 0.20 -10.14
CA SER A 292 -8.53 1.20 -10.76
C SER A 292 -7.59 2.16 -11.44
N GLY A 293 -8.14 3.15 -12.16
CA GLY A 293 -7.34 4.03 -13.03
C GLY A 293 -7.09 5.44 -12.49
N ASP A 294 -6.04 6.05 -13.03
CA ASP A 294 -5.79 7.50 -12.90
C ASP A 294 -5.40 7.90 -11.47
N ASN A 295 -4.77 6.97 -10.75
CA ASN A 295 -4.38 7.21 -9.37
C ASN A 295 -2.96 7.77 -9.29
N THR A 296 -2.63 8.38 -8.14
CA THR A 296 -1.29 8.94 -7.87
C THR A 296 -0.77 8.29 -6.66
N ILE A 297 0.40 7.68 -6.77
CA ILE A 297 1.01 6.99 -5.59
C ILE A 297 2.42 7.58 -5.52
N SER A 298 2.56 8.70 -4.77
CA SER A 298 3.74 9.58 -4.95
C SER A 298 4.25 10.22 -3.65
N GLY A 299 5.58 10.34 -3.54
CA GLY A 299 6.18 10.95 -2.38
C GLY A 299 6.13 10.23 -1.06
N ASN A 300 5.84 8.93 -1.07
CA ASN A 300 5.75 8.18 0.17
C ASN A 300 7.14 7.67 0.57
N THR A 301 7.38 7.57 1.88
CA THR A 301 8.61 6.98 2.32
C THR A 301 8.24 5.57 2.78
N ILE A 302 8.95 4.59 2.22
CA ILE A 302 8.64 3.22 2.45
C ILE A 302 9.94 2.58 2.95
N PHE A 303 9.92 2.29 4.25
CA PHE A 303 11.16 1.94 4.97
C PHE A 303 11.11 0.51 5.49
N GLN A 304 12.10 -0.28 5.09
CA GLN A 304 12.24 -1.70 5.55
C GLN A 304 10.89 -2.44 5.43
N SER A 305 10.19 -2.21 4.32
CA SER A 305 8.91 -2.86 4.12
C SER A 305 9.02 -3.99 3.09
N ALA A 306 8.80 -5.26 3.54
CA ALA A 306 8.96 -6.38 2.62
C ALA A 306 7.63 -6.58 1.78
N ALA A 307 7.32 -5.59 0.93
CA ALA A 307 6.02 -5.53 0.19
C ALA A 307 6.23 -4.45 -0.89
N LEU A 308 5.67 -4.60 -2.07
CA LEU A 308 5.93 -3.71 -3.18
C LEU A 308 4.69 -2.83 -3.51
N ILE A 309 4.92 -1.62 -4.02
CA ILE A 309 3.82 -0.93 -4.65
C ILE A 309 3.38 -1.78 -5.86
N SER A 310 2.10 -2.05 -6.01
CA SER A 310 1.68 -2.98 -7.04
C SER A 310 0.58 -2.35 -7.89
N LEU A 311 0.89 -2.15 -9.17
CA LEU A 311 -0.12 -1.64 -10.11
C LEU A 311 -0.79 -2.92 -10.66
N ARG A 312 -1.82 -3.36 -9.95
CA ARG A 312 -2.36 -4.73 -10.06
C ARG A 312 -3.39 -4.78 -11.19
N HIS A 313 -4.31 -3.81 -11.23
CA HIS A 313 -5.33 -3.72 -12.33
C HIS A 313 -5.59 -2.23 -12.62
N GLY A 314 -6.02 -1.91 -13.86
CA GLY A 314 -6.45 -0.55 -14.14
C GLY A 314 -5.31 0.24 -14.81
N LYS A 315 -5.68 1.38 -15.36
CA LYS A 315 -4.86 2.05 -16.36
C LYS A 315 -4.45 3.43 -15.96
N GLY A 316 -3.26 3.83 -16.38
CA GLY A 316 -2.92 5.23 -16.33
C GLY A 316 -2.59 5.71 -14.90
N ASN A 317 -1.89 4.86 -14.12
CA ASN A 317 -1.53 5.22 -12.75
C ASN A 317 -0.13 5.79 -12.75
N THR A 318 0.16 6.69 -11.80
CA THR A 318 1.40 7.43 -11.80
C THR A 318 2.08 7.22 -10.47
N VAL A 319 3.36 6.85 -10.50
CA VAL A 319 4.06 6.51 -9.26
C VAL A 319 5.37 7.35 -9.29
N GLU A 320 5.42 8.42 -8.51
CA GLU A 320 6.54 9.38 -8.67
C GLU A 320 7.09 9.82 -7.34
N ASN A 321 8.37 10.16 -7.32
CA ASN A 321 9.02 10.79 -6.14
C ASN A 321 8.94 10.03 -4.82
N ASN A 322 8.73 8.72 -4.86
CA ASN A 322 8.74 7.93 -3.63
C ASN A 322 10.19 7.62 -3.21
N MET A 323 10.36 7.37 -1.92
CA MET A 323 11.69 7.05 -1.36
C MET A 323 11.50 5.71 -0.77
N ILE A 324 12.02 4.69 -1.44
CA ILE A 324 11.82 3.34 -0.97
C ILE A 324 13.19 2.85 -0.44
N LEU A 325 13.29 2.71 0.88
CA LEU A 325 14.59 2.52 1.51
C LEU A 325 14.52 1.17 2.20
N GLY A 326 15.00 0.16 1.51
CA GLY A 326 14.85 -1.22 1.99
C GLY A 326 15.72 -1.48 3.20
N ASN A 327 16.80 -0.71 3.31
CA ASN A 327 17.79 -0.81 4.42
C ASN A 327 18.39 -2.22 4.54
N GLU A 328 18.53 -2.91 3.39
CA GLU A 328 19.04 -4.32 3.33
C GLU A 328 18.15 -5.39 3.89
N LYS A 329 16.91 -5.10 4.16
CA LYS A 329 15.99 -6.09 4.66
C LYS A 329 15.54 -7.05 3.55
N ARG A 330 15.42 -8.36 3.88
CA ARG A 330 15.06 -9.35 2.90
C ARG A 330 13.67 -9.08 2.29
N LEU A 331 13.55 -9.32 0.98
CA LEU A 331 12.26 -9.26 0.27
C LEU A 331 11.64 -7.85 0.22
N THR A 332 12.48 -6.83 0.32
CA THR A 332 12.12 -5.45 0.04
C THR A 332 12.20 -5.24 -1.47
N GLY A 333 11.64 -4.12 -1.96
CA GLY A 333 11.50 -3.97 -3.39
C GLY A 333 10.73 -2.68 -3.69
N GLY A 334 10.63 -2.32 -4.96
CA GLY A 334 10.03 -1.03 -5.31
C GLY A 334 8.61 -1.19 -5.79
N ILE A 335 8.47 -1.44 -7.09
CA ILE A 335 7.16 -1.34 -7.78
C ILE A 335 7.07 -2.51 -8.75
N ARG A 336 5.91 -3.15 -8.76
CA ARG A 336 5.61 -4.21 -9.75
C ARG A 336 4.38 -3.76 -10.57
N ILE A 337 4.36 -4.12 -11.87
CA ILE A 337 3.52 -3.50 -12.84
C ILE A 337 2.73 -4.49 -13.74
N TYR A 338 1.39 -4.35 -13.75
CA TYR A 338 0.53 -4.96 -14.77
C TYR A 338 -0.28 -3.83 -15.43
N ASP A 339 -0.93 -4.16 -16.55
CA ASP A 339 -1.86 -3.24 -17.20
C ASP A 339 -1.17 -2.09 -17.90
N GLU A 340 -1.93 -1.05 -18.31
CA GLU A 340 -1.40 -0.13 -19.31
C GLU A 340 -1.29 1.35 -18.88
N ASP A 341 -0.45 2.06 -19.65
CA ASP A 341 -0.39 3.51 -19.70
C ASP A 341 0.16 4.13 -18.42
N HIS A 342 0.90 3.37 -17.61
CA HIS A 342 1.42 3.90 -16.36
C HIS A 342 2.67 4.75 -16.52
N VAL A 343 2.88 5.63 -15.56
CA VAL A 343 4.02 6.52 -15.56
C VAL A 343 4.80 6.38 -14.26
N ILE A 344 6.08 6.02 -14.32
CA ILE A 344 6.84 5.64 -13.13
C ILE A 344 8.10 6.49 -13.26
N ARG A 345 8.15 7.57 -12.49
CA ARG A 345 9.26 8.52 -12.71
C ARG A 345 9.78 9.09 -11.41
N ASN A 346 11.10 9.35 -11.40
CA ASN A 346 11.71 10.03 -10.27
C ASN A 346 11.56 9.40 -8.90
N ASN A 347 11.56 8.06 -8.84
CA ASN A 347 11.59 7.37 -7.55
C ASN A 347 13.03 7.10 -7.19
N TYR A 348 13.28 7.01 -5.88
CA TYR A 348 14.61 6.67 -5.34
C TYR A 348 14.47 5.39 -4.55
N ILE A 349 15.12 4.31 -5.00
CA ILE A 349 14.84 2.96 -4.46
C ILE A 349 16.19 2.41 -4.10
N ALA A 350 16.42 2.10 -2.81
CA ALA A 350 17.78 1.87 -2.34
C ALA A 350 17.82 0.68 -1.41
N ASN A 351 18.94 -0.06 -1.52
CA ASN A 351 19.29 -1.13 -0.56
C ASN A 351 18.22 -2.21 -0.46
N THR A 352 17.56 -2.54 -1.57
CA THR A 352 16.53 -3.56 -1.54
C THR A 352 17.16 -4.93 -1.79
N ARG A 353 16.47 -6.00 -1.40
CA ARG A 353 17.09 -7.37 -1.42
C ARG A 353 16.06 -8.39 -1.75
N GLY A 354 16.42 -9.44 -2.53
CA GLY A 354 15.58 -10.60 -2.70
C GLY A 354 14.81 -10.59 -4.00
N ARG A 355 14.55 -11.79 -4.56
CA ARG A 355 13.87 -11.88 -5.85
C ARG A 355 12.56 -12.64 -5.72
N ASP A 356 12.52 -13.71 -4.91
CA ASP A 356 11.36 -14.61 -4.95
C ASP A 356 10.61 -14.59 -3.61
N GLY A 357 9.33 -14.22 -3.60
CA GLY A 357 8.55 -14.32 -2.38
C GLY A 357 8.42 -15.76 -1.91
N VAL A 358 8.02 -15.99 -0.68
CA VAL A 358 7.98 -17.39 -0.17
C VAL A 358 6.79 -18.20 -0.60
N ILE A 359 5.68 -17.55 -0.91
CA ILE A 359 4.55 -18.34 -1.33
C ILE A 359 4.58 -18.43 -2.87
N GLU A 360 4.50 -19.67 -3.41
CA GLU A 360 4.54 -19.89 -4.84
C GLU A 360 3.21 -19.78 -5.55
N GLY A 361 3.27 -19.54 -6.84
CA GLY A 361 2.05 -19.52 -7.68
C GLY A 361 1.37 -18.16 -7.69
N ASN A 362 1.99 -17.18 -7.01
CA ASN A 362 1.43 -15.82 -6.88
C ASN A 362 2.22 -14.74 -7.67
N ALA A 363 3.05 -15.20 -8.62
CA ALA A 363 3.86 -14.32 -9.45
C ALA A 363 4.63 -13.32 -8.60
N ASP A 364 5.10 -13.80 -7.45
CA ASP A 364 5.71 -12.86 -6.48
C ASP A 364 7.22 -12.74 -6.82
N LEU A 365 7.50 -11.86 -7.76
CA LEU A 365 8.83 -11.61 -8.29
C LEU A 365 9.19 -10.17 -7.86
N ARG A 366 10.28 -10.01 -7.10
CA ARG A 366 10.57 -8.70 -6.50
C ARG A 366 11.84 -8.12 -7.11
N GLY A 367 12.00 -6.83 -6.97
CA GLY A 367 13.19 -6.10 -7.33
C GLY A 367 12.82 -4.61 -7.21
N GLY A 368 13.66 -3.72 -7.75
CA GLY A 368 13.38 -2.23 -7.70
C GLY A 368 12.13 -1.87 -8.50
N ILE A 369 12.11 -2.31 -9.77
CA ILE A 369 10.95 -2.08 -10.68
C ILE A 369 10.74 -3.37 -11.50
N VAL A 370 9.57 -4.00 -11.40
CA VAL A 370 9.37 -5.32 -11.97
C VAL A 370 8.31 -5.19 -13.05
N ILE A 371 8.68 -5.54 -14.30
CA ILE A 371 7.66 -5.46 -15.37
C ILE A 371 7.12 -6.86 -15.51
N ASN A 372 5.90 -7.07 -14.96
CA ASN A 372 5.39 -8.44 -14.87
C ASN A 372 5.09 -9.03 -16.24
N THR A 373 5.11 -10.36 -16.35
CA THR A 373 4.38 -11.04 -17.45
C THR A 373 2.86 -10.94 -17.22
N GLY A 374 2.10 -11.11 -18.28
CA GLY A 374 0.66 -11.37 -18.10
C GLY A 374 0.15 -12.50 -19.03
N ILE A 375 -1.17 -12.61 -19.13
CA ILE A 375 -1.73 -13.82 -19.79
C ILE A 375 -2.48 -13.40 -21.08
N ILE A 376 -2.32 -12.17 -21.56
CA ILE A 376 -3.02 -11.70 -22.77
C ILE A 376 -2.03 -11.07 -23.73
N ASP A 377 -2.31 -11.28 -25.02
CA ASP A 377 -1.48 -10.74 -26.09
C ASP A 377 -1.76 -9.27 -26.36
N VAL A 378 -1.26 -8.39 -25.50
CA VAL A 378 -1.50 -6.95 -25.68
C VAL A 378 -0.88 -6.35 -26.93
N ALA A 379 0.17 -6.98 -27.45
CA ALA A 379 0.86 -6.46 -28.64
C ALA A 379 -0.11 -6.54 -29.83
N ASN A 380 -1.03 -7.50 -29.76
CA ASN A 380 -2.10 -7.63 -30.78
C ASN A 380 -3.43 -7.15 -30.27
N GLY A 381 -3.40 -6.32 -29.23
CA GLY A 381 -4.61 -5.66 -28.75
C GLY A 381 -5.54 -6.42 -27.85
N GLU A 382 -5.13 -7.58 -27.33
CA GLU A 382 -6.01 -8.37 -26.50
C GLU A 382 -6.25 -7.64 -25.14
N GLN A 383 -7.42 -7.83 -24.54
CA GLN A 383 -7.79 -7.18 -23.28
C GLN A 383 -8.21 -8.24 -22.31
N LEU A 384 -8.19 -7.98 -21.00
CA LEU A 384 -8.93 -8.83 -20.09
C LEU A 384 -10.42 -8.45 -20.28
N ASP A 385 -11.26 -9.41 -20.01
CA ASP A 385 -12.71 -9.26 -20.28
C ASP A 385 -13.48 -10.24 -19.41
N GLN A 386 -14.41 -9.68 -18.64
CA GLN A 386 -15.13 -10.47 -17.68
C GLN A 386 -15.93 -11.63 -18.31
N SER A 387 -16.23 -11.52 -19.61
CA SER A 387 -16.96 -12.59 -20.29
C SER A 387 -16.08 -13.68 -20.90
N VAL A 388 -14.76 -13.46 -20.96
CA VAL A 388 -13.93 -14.45 -21.64
C VAL A 388 -13.31 -15.38 -20.61
N LYS A 389 -13.67 -16.65 -20.67
CA LYS A 389 -13.25 -17.58 -19.63
C LYS A 389 -11.73 -17.64 -19.58
N GLY A 390 -11.17 -17.62 -18.35
CA GLY A 390 -9.70 -17.62 -18.23
C GLY A 390 -9.02 -16.25 -18.38
N LYS A 391 -9.70 -15.24 -18.94
CA LYS A 391 -9.13 -13.88 -19.14
C LYS A 391 -9.95 -12.76 -18.44
N GLU A 392 -10.49 -13.11 -17.29
CA GLU A 392 -11.42 -12.27 -16.53
C GLU A 392 -10.64 -11.04 -15.94
N LEU A 393 -11.38 -10.03 -15.49
CA LEU A 393 -10.79 -8.79 -15.00
C LEU A 393 -9.86 -8.99 -13.76
N ASN A 394 -10.01 -10.11 -13.03
CA ASN A 394 -9.16 -10.38 -11.86
C ASN A 394 -7.89 -11.12 -12.20
N LYS A 395 -7.66 -11.35 -13.50
CA LYS A 395 -6.46 -12.06 -13.93
C LYS A 395 -5.32 -11.08 -14.17
N GLN A 396 -4.44 -11.36 -15.16
CA GLN A 396 -3.18 -10.66 -15.29
C GLN A 396 -3.03 -9.97 -16.62
N TRP A 397 -3.20 -8.65 -16.60
CA TRP A 397 -3.07 -7.82 -17.77
C TRP A 397 -1.60 -7.56 -18.09
N THR A 398 -1.14 -8.09 -19.24
CA THR A 398 0.25 -7.85 -19.66
C THR A 398 0.54 -6.34 -19.79
N PRO A 399 1.63 -5.88 -19.16
CA PRO A 399 1.86 -4.43 -19.20
C PRO A 399 2.08 -3.91 -20.62
N LYS A 400 1.56 -2.72 -20.89
CA LYS A 400 1.76 -2.08 -22.15
C LYS A 400 1.76 -0.58 -22.05
N ASN A 401 2.67 0.06 -22.82
CA ASN A 401 2.71 1.50 -22.95
C ASN A 401 3.07 2.12 -21.58
N ILE A 402 4.21 1.66 -21.08
CA ILE A 402 4.71 2.08 -19.73
C ILE A 402 5.88 3.07 -19.90
N THR A 403 5.85 4.16 -19.13
CA THR A 403 6.92 5.14 -19.14
C THR A 403 7.71 4.94 -17.86
N ILE A 404 9.01 4.67 -17.95
CA ILE A 404 9.82 4.42 -16.75
C ILE A 404 11.04 5.31 -16.92
N GLU A 405 11.06 6.41 -16.19
CA GLU A 405 12.08 7.44 -16.48
C GLU A 405 12.64 8.08 -15.26
N ASN A 406 13.91 8.48 -15.33
CA ASN A 406 14.55 9.25 -14.26
C ASN A 406 14.42 8.60 -12.86
N ASN A 407 14.45 7.26 -12.76
CA ASN A 407 14.49 6.65 -11.44
C ASN A 407 15.93 6.42 -11.05
N SER A 408 16.22 6.45 -9.72
CA SER A 408 17.55 6.09 -9.27
C SER A 408 17.37 4.86 -8.45
N LEU A 409 18.05 3.78 -8.83
CA LEU A 409 18.01 2.55 -8.04
C LEU A 409 19.43 2.40 -7.56
N VAL A 410 19.61 2.43 -6.24
CA VAL A 410 20.96 2.41 -5.60
C VAL A 410 21.14 1.16 -4.77
N ASP A 411 22.15 0.33 -5.09
CA ASP A 411 22.42 -0.88 -4.30
C ASP A 411 21.14 -1.77 -4.17
N THR A 412 20.49 -2.00 -5.33
CA THR A 412 19.29 -2.85 -5.36
C THR A 412 19.77 -4.22 -5.83
N GLU A 413 19.61 -5.25 -5.02
CA GLU A 413 20.14 -6.60 -5.42
C GLU A 413 19.56 -7.08 -6.77
N TRP A 414 18.29 -6.77 -6.97
CA TRP A 414 17.62 -6.97 -8.26
C TRP A 414 17.02 -5.63 -8.66
N GLY A 415 17.55 -5.01 -9.72
CA GLY A 415 17.22 -3.63 -10.07
C GLY A 415 15.93 -3.55 -10.89
N ILE A 416 16.08 -3.38 -12.19
CA ILE A 416 14.88 -3.41 -13.07
C ILE A 416 14.77 -4.86 -13.55
N VAL A 417 13.65 -5.49 -13.26
CA VAL A 417 13.51 -6.92 -13.46
C VAL A 417 12.45 -7.09 -14.55
N TYR A 418 12.88 -7.70 -15.66
CA TYR A 418 11.87 -8.01 -16.70
C TYR A 418 11.26 -9.36 -16.33
N GLY A 419 9.92 -9.40 -16.22
CA GLY A 419 9.25 -10.56 -15.69
C GLY A 419 9.34 -11.87 -16.45
N ASN A 420 9.21 -12.97 -15.71
CA ASN A 420 9.15 -14.33 -16.30
C ASN A 420 8.19 -15.17 -15.51
N GLN A 421 7.20 -14.58 -14.80
CA GLN A 421 6.34 -15.42 -13.94
C GLN A 421 5.35 -16.29 -14.73
N SER A 422 5.08 -17.50 -14.25
N SER A 422 5.16 -17.52 -14.30
CA SER A 422 3.95 -18.30 -14.78
CA SER A 422 3.99 -18.25 -14.76
C SER A 422 2.73 -18.27 -13.83
C SER A 422 2.84 -17.71 -13.88
N HIS A 423 1.62 -17.81 -14.35
CA HIS A 423 0.47 -17.48 -13.49
C HIS A 423 -0.37 -18.73 -13.33
N ARG A 424 -1.08 -18.78 -12.23
CA ARG A 424 -2.07 -19.85 -11.98
C ARG A 424 -3.42 -19.35 -12.45
N VAL A 425 -4.40 -20.27 -12.60
CA VAL A 425 -5.70 -19.88 -13.14
C VAL A 425 -6.37 -18.89 -12.17
N SER A 426 -6.29 -19.21 -10.89
CA SER A 426 -6.83 -18.30 -9.87
C SER A 426 -6.17 -18.60 -8.53
N LEU A 427 -6.55 -17.86 -7.51
CA LEU A 427 -6.05 -18.14 -6.15
C LEU A 427 -6.46 -19.56 -5.66
N PHE A 428 -7.52 -20.08 -6.28
CA PHE A 428 -8.14 -21.35 -5.80
C PHE A 428 -7.92 -22.53 -6.77
N ASN A 429 -7.54 -22.21 -7.99
CA ASN A 429 -7.23 -23.23 -8.95
C ASN A 429 -5.72 -23.17 -9.27
N ASN A 430 -4.95 -24.17 -8.82
CA ASN A 430 -3.47 -24.16 -8.97
C ASN A 430 -2.92 -24.54 -10.34
N ALA A 431 -3.81 -24.81 -11.30
CA ALA A 431 -3.33 -25.07 -12.70
C ALA A 431 -2.53 -23.87 -13.26
N GLU A 432 -1.44 -24.15 -13.96
CA GLU A 432 -0.70 -23.07 -14.63
C GLU A 432 -1.37 -22.67 -15.91
N VAL A 433 -1.41 -21.36 -16.16
CA VAL A 433 -1.98 -20.85 -17.38
C VAL A 433 -0.94 -21.06 -18.48
N GLU A 434 -1.41 -21.58 -19.63
CA GLU A 434 -0.61 -21.76 -20.81
C GLU A 434 -0.92 -20.47 -21.57
N GLY A 435 0.13 -19.74 -21.92
CA GLY A 435 -0.04 -18.51 -22.67
C GLY A 435 0.41 -17.34 -21.78
N ILE A 436 1.70 -17.06 -21.79
CA ILE A 436 2.34 -16.02 -20.93
C ILE A 436 3.03 -15.03 -21.85
N TYR A 437 2.83 -13.73 -21.68
CA TYR A 437 3.36 -12.75 -22.57
C TYR A 437 4.21 -11.73 -21.84
N ALA A 438 5.20 -11.17 -22.53
CA ALA A 438 6.07 -10.13 -21.97
C ALA A 438 5.50 -8.73 -22.17
N GLY A 439 6.00 -7.78 -21.35
CA GLY A 439 5.63 -6.37 -21.44
C GLY A 439 5.91 -5.79 -22.84
N VAL A 440 5.03 -4.86 -23.23
CA VAL A 440 5.00 -4.30 -24.57
C VAL A 440 5.09 -2.77 -24.51
N ASP A 441 5.92 -2.19 -25.39
CA ASP A 441 6.03 -0.71 -25.54
C ASP A 441 6.43 -0.12 -24.19
N ILE A 442 7.58 -0.55 -23.71
CA ILE A 442 8.07 -0.05 -22.42
C ILE A 442 9.17 0.96 -22.77
N ALA A 443 9.04 2.20 -22.34
CA ALA A 443 10.03 3.21 -22.67
C ALA A 443 10.85 3.52 -21.43
N PHE A 444 12.15 3.21 -21.48
CA PHE A 444 13.08 3.50 -20.42
C PHE A 444 13.90 4.71 -20.82
N LYS A 445 13.98 5.73 -19.97
CA LYS A 445 14.79 6.91 -20.28
C LYS A 445 15.39 7.52 -19.00
N HIS A 446 16.70 7.82 -19.04
CA HIS A 446 17.39 8.52 -17.98
C HIS A 446 17.37 7.88 -16.64
N ASN A 447 17.16 6.54 -16.57
CA ASN A 447 17.27 5.80 -15.29
C ASN A 447 18.72 5.57 -14.98
N VAL A 448 19.03 5.52 -13.69
CA VAL A 448 20.36 5.16 -13.22
C VAL A 448 20.20 3.96 -12.29
N VAL A 449 20.83 2.82 -12.60
CA VAL A 449 20.84 1.69 -11.65
C VAL A 449 22.28 1.57 -11.23
N ASP A 450 22.56 1.89 -9.98
CA ASP A 450 23.95 2.07 -9.52
C ASP A 450 24.27 0.99 -8.50
N ASN A 451 24.81 -0.14 -8.99
CA ASN A 451 25.31 -1.18 -8.10
C ASN A 451 26.88 -1.13 -8.11
N SER A 452 27.43 0.08 -8.16
N SER A 452 27.42 0.10 -8.14
CA SER A 452 28.89 0.24 -8.07
CA SER A 452 28.87 0.36 -7.97
C SER A 452 29.46 -0.25 -6.74
C SER A 452 29.42 -0.35 -6.75
N GLN A 453 28.64 -0.33 -5.68
CA GLN A 453 29.10 -0.87 -4.43
C GLN A 453 29.25 -2.38 -4.49
N THR A 454 28.27 -3.12 -5.03
CA THR A 454 28.33 -4.58 -5.14
C THR A 454 27.93 -4.92 -6.57
N PRO A 455 28.91 -4.89 -7.50
CA PRO A 455 28.56 -4.99 -8.92
C PRO A 455 28.10 -6.38 -9.33
N GLU A 456 28.20 -7.36 -8.42
CA GLU A 456 27.65 -8.71 -8.66
C GLU A 456 26.13 -8.71 -8.56
N PHE A 457 25.55 -7.65 -7.99
CA PHE A 457 24.10 -7.52 -7.96
C PHE A 457 23.56 -7.33 -9.37
N VAL A 458 22.32 -7.74 -9.62
CA VAL A 458 21.74 -7.68 -10.97
C VAL A 458 21.02 -6.34 -11.10
N SER A 459 21.62 -5.41 -11.83
CA SER A 459 21.05 -4.11 -12.08
C SER A 459 19.86 -4.18 -13.02
N VAL A 460 19.97 -4.98 -14.11
CA VAL A 460 18.83 -5.13 -15.03
C VAL A 460 18.71 -6.61 -15.35
N ARG A 461 17.54 -7.18 -15.05
CA ARG A 461 17.32 -8.61 -15.30
C ARG A 461 16.47 -8.77 -16.61
N ALA A 462 17.13 -8.81 -17.77
CA ALA A 462 16.44 -9.15 -19.00
C ALA A 462 16.40 -10.68 -19.16
N THR A 463 15.48 -11.17 -19.99
CA THR A 463 15.38 -12.63 -20.16
C THR A 463 14.87 -13.01 -21.53
N HIS A 464 15.70 -13.80 -22.25
CA HIS A 464 15.26 -14.37 -23.49
C HIS A 464 14.03 -15.27 -23.34
N ASP A 465 13.72 -15.76 -22.13
CA ASP A 465 12.43 -16.48 -21.98
C ASP A 465 11.22 -15.60 -22.33
N PHE A 466 11.31 -14.31 -22.00
CA PHE A 466 10.23 -13.36 -22.23
C PHE A 466 10.77 -12.02 -22.65
N PRO A 467 11.17 -11.90 -23.94
CA PRO A 467 11.72 -10.63 -24.34
C PRO A 467 10.67 -9.54 -24.42
N LEU A 468 10.98 -8.34 -23.94
CA LEU A 468 10.03 -7.28 -24.07
C LEU A 468 9.82 -7.03 -25.55
N VAL A 469 8.64 -6.53 -25.91
CA VAL A 469 8.31 -6.20 -27.27
C VAL A 469 8.25 -4.67 -27.39
N GLY A 470 9.05 -4.11 -28.30
CA GLY A 470 9.09 -2.66 -28.52
C GLY A 470 9.62 -1.82 -27.35
N ALA A 471 10.52 -2.38 -26.57
CA ALA A 471 11.17 -1.60 -25.55
C ALA A 471 12.12 -0.56 -26.21
N THR A 472 12.23 0.66 -25.65
CA THR A 472 13.19 1.65 -26.09
C THR A 472 14.04 2.10 -24.89
N TYR A 473 15.27 2.50 -25.17
CA TYR A 473 16.27 2.87 -24.16
C TYR A 473 16.87 4.19 -24.53
N THR A 474 16.71 5.21 -23.70
CA THR A 474 17.25 6.50 -24.01
C THR A 474 18.10 6.98 -22.86
N ASP A 475 19.41 7.06 -23.04
CA ASP A 475 20.31 7.57 -21.98
C ASP A 475 20.13 6.85 -20.67
N GLU A 476 20.13 5.52 -20.75
CA GLU A 476 20.09 4.68 -19.53
C GLU A 476 21.55 4.48 -19.04
N THR A 477 21.71 4.35 -17.71
CA THR A 477 22.98 4.08 -17.03
C THR A 477 22.81 2.89 -16.11
N TYR A 478 23.50 1.79 -16.43
CA TYR A 478 23.32 0.55 -15.64
C TYR A 478 24.73 0.11 -15.22
N VAL A 479 24.98 0.14 -13.94
CA VAL A 479 26.25 -0.29 -13.40
C VAL A 479 26.03 -1.52 -12.54
N GLY A 480 26.66 -2.64 -12.89
CA GLY A 480 26.40 -3.92 -12.18
C GLY A 480 25.94 -4.93 -13.20
N GLN A 481 25.60 -6.15 -12.79
CA GLN A 481 25.23 -7.20 -13.75
C GLN A 481 24.01 -6.85 -14.58
N VAL A 482 24.06 -7.15 -15.88
CA VAL A 482 22.88 -7.07 -16.74
C VAL A 482 22.72 -8.47 -17.39
N THR A 483 21.62 -9.17 -17.10
CA THR A 483 21.47 -10.56 -17.61
C THR A 483 20.80 -10.39 -18.99
N ASP A 484 21.17 -11.24 -19.97
CA ASP A 484 20.63 -11.16 -21.33
C ASP A 484 20.74 -9.74 -21.89
N SER A 485 21.91 -9.12 -21.68
CA SER A 485 22.13 -7.73 -22.08
C SER A 485 22.00 -7.51 -23.56
N GLU A 486 22.11 -8.60 -24.34
CA GLU A 486 22.02 -8.46 -25.78
C GLU A 486 20.57 -8.15 -26.20
N LEU A 487 19.62 -8.23 -25.25
CA LEU A 487 18.23 -7.80 -25.55
C LEU A 487 18.07 -6.28 -25.51
N ILE A 488 19.10 -5.60 -25.02
CA ILE A 488 19.03 -4.16 -24.77
C ILE A 488 19.87 -3.39 -25.77
N GLU A 489 19.28 -2.45 -26.48
CA GLU A 489 19.99 -1.76 -27.58
C GLU A 489 21.24 -0.99 -27.09
N SER A 490 21.08 -0.18 -26.03
CA SER A 490 22.24 0.55 -25.53
C SER A 490 22.01 1.11 -24.14
N TYR A 491 23.12 1.39 -23.47
CA TYR A 491 23.15 2.04 -22.20
C TYR A 491 24.58 2.33 -21.89
N SER A 492 24.79 3.19 -20.91
CA SER A 492 26.10 3.53 -20.46
C SER A 492 26.41 2.68 -19.24
N VAL A 493 27.68 2.29 -19.08
CA VAL A 493 28.13 1.58 -17.90
C VAL A 493 29.03 2.50 -17.05
N GLU A 494 29.05 3.79 -17.35
CA GLU A 494 29.85 4.75 -16.60
C GLU A 494 28.91 5.69 -15.86
N LEU A 495 29.00 5.76 -14.51
CA LEU A 495 28.21 6.74 -13.71
C LEU A 495 28.50 8.18 -14.11
N PRO A 496 27.48 9.05 -14.17
CA PRO A 496 27.79 10.47 -14.32
C PRO A 496 28.48 10.92 -13.03
N LYS A 497 28.91 12.17 -12.98
CA LYS A 497 29.38 12.74 -11.71
C LYS A 497 28.31 12.55 -10.61
N VAL A 498 28.75 12.07 -9.45
CA VAL A 498 27.84 11.85 -8.32
C VAL A 498 28.13 12.83 -7.17
N THR A 499 27.12 13.60 -6.78
CA THR A 499 27.16 14.32 -5.50
C THR A 499 26.16 13.78 -4.48
N VAL A 500 26.36 14.15 -3.23
CA VAL A 500 25.38 13.83 -2.19
C VAL A 500 24.64 15.12 -1.82
N GLU A 501 23.32 15.13 -1.96
CA GLU A 501 22.51 16.22 -1.45
C GLU A 501 21.44 15.64 -0.49
N ASN A 502 21.48 16.08 0.77
CA ASN A 502 20.57 15.59 1.81
C ASN A 502 20.65 14.07 2.01
N GLY A 503 21.84 13.49 1.89
CA GLY A 503 22.03 12.05 2.12
C GLY A 503 21.67 11.18 0.92
N LEU A 504 21.16 11.82 -0.13
CA LEU A 504 20.84 11.13 -1.40
C LEU A 504 21.93 11.26 -2.46
N ASN A 505 22.15 10.22 -3.27
CA ASN A 505 22.99 10.35 -4.48
C ASN A 505 22.31 11.16 -5.54
N ALA A 506 22.98 12.23 -6.02
CA ALA A 506 22.51 12.96 -7.19
C ALA A 506 23.47 12.64 -8.35
N TYR A 507 22.90 12.17 -9.47
CA TYR A 507 23.69 11.77 -10.64
C TYR A 507 23.54 12.89 -11.66
N GLN A 508 24.67 13.49 -12.07
CA GLN A 508 24.59 14.68 -12.93
C GLN A 508 23.85 14.44 -14.22
N GLY A 509 22.73 15.15 -14.42
CA GLY A 509 21.97 15.02 -15.70
C GLY A 509 21.08 13.77 -15.90
N GLU A 510 21.01 12.88 -14.90
CA GLU A 510 20.31 11.57 -15.05
C GLU A 510 19.69 11.14 -13.74
N GLY A 511 18.82 10.14 -13.81
CA GLY A 511 18.26 9.56 -12.59
C GLY A 511 17.25 10.47 -11.92
N ALA A 512 16.96 10.20 -10.65
CA ALA A 512 15.91 10.93 -9.94
C ALA A 512 16.49 12.28 -9.53
N ASP A 513 15.75 13.34 -9.83
CA ASP A 513 16.13 14.71 -9.40
C ASP A 513 15.93 14.78 -7.92
N VAL A 514 17.03 15.00 -7.17
CA VAL A 514 16.95 14.96 -5.68
C VAL A 514 16.20 16.18 -5.15
N SER A 515 16.03 17.19 -5.97
CA SER A 515 15.21 18.37 -5.57
C SER A 515 13.76 18.01 -5.36
N LYS A 516 13.34 16.87 -5.92
CA LYS A 516 11.93 16.48 -5.86
C LYS A 516 11.68 15.44 -4.74
N LEU A 517 12.73 15.09 -4.00
CA LEU A 517 12.71 13.95 -3.09
C LEU A 517 12.95 14.40 -1.70
N SER A 518 12.18 13.88 -0.76
CA SER A 518 12.47 14.06 0.67
C SER A 518 11.83 12.95 1.51
N VAL A 519 12.47 12.66 2.64
CA VAL A 519 12.01 11.64 3.56
C VAL A 519 10.80 12.19 4.35
N VAL A 520 9.70 11.42 4.39
CA VAL A 520 8.54 11.77 5.21
C VAL A 520 8.84 11.27 6.63
N THR A 521 8.66 12.15 7.64
CA THR A 521 8.85 11.72 9.04
C THR A 521 7.61 12.16 9.81
N ALA A 522 7.59 11.78 11.08
CA ALA A 522 6.52 12.22 11.97
C ALA A 522 6.40 13.77 12.16
N GLU A 523 7.33 14.55 11.58
CA GLU A 523 7.21 16.02 11.58
C GLU A 523 5.99 16.44 10.75
N THR A 524 5.65 15.65 9.71
CA THR A 524 4.40 15.90 8.98
C THR A 524 3.40 14.74 8.94
N ALA A 525 3.87 13.52 9.17
CA ALA A 525 2.99 12.37 9.02
C ALA A 525 2.48 11.96 10.39
N GLY A 526 1.24 11.44 10.40
CA GLY A 526 0.71 10.80 11.60
C GLY A 526 0.00 11.84 12.48
N PRO A 527 -0.59 11.40 13.59
CA PRO A 527 -1.40 12.27 14.47
C PRO A 527 -0.48 13.23 15.27
N ASP A 528 -1.07 14.11 16.08
CA ASP A 528 -0.14 14.96 16.87
C ASP A 528 0.16 14.40 18.27
N TYR A 529 -0.04 13.10 18.49
CA TYR A 529 0.25 12.47 19.80
C TYR A 529 0.82 11.10 19.59
N VAL A 530 1.40 10.56 20.66
CA VAL A 530 1.79 9.17 20.74
C VAL A 530 1.14 8.55 21.98
N LEU A 531 0.90 7.25 21.92
CA LEU A 531 0.19 6.53 22.99
C LEU A 531 1.14 5.76 23.84
N GLU A 532 0.84 5.74 25.15
CA GLU A 532 1.65 5.02 26.14
C GLU A 532 0.74 4.03 26.82
N ASN A 533 1.30 2.89 27.23
CA ASN A 533 0.57 1.87 27.97
C ASN A 533 -0.56 1.27 27.15
N THR A 534 -0.20 0.90 25.91
CA THR A 534 -1.12 0.24 25.01
C THR A 534 -0.84 -1.25 25.17
N THR A 535 -1.73 -2.08 24.62
CA THR A 535 -1.57 -3.55 24.60
C THR A 535 -1.83 -4.01 23.17
N LYS A 536 -0.92 -4.86 22.65
CA LYS A 536 -1.06 -5.53 21.33
C LYS A 536 -2.27 -6.50 21.34
C1 LGU B . -14.60 -8.28 -1.81
C2 LGU B . -14.11 -7.83 -3.21
O2 LGU B . -15.14 -7.61 -4.19
C3 LGU B . -13.05 -6.72 -3.23
O3 LGU B . -13.69 -5.44 -3.17
C4 LGU B . -12.11 -6.91 -2.02
O4 LGU B . -11.40 -8.18 -2.09
C5 LGU B . -12.88 -6.92 -0.70
O5 LGU B . -13.90 -7.96 -0.63
C6 LGU B . -11.98 -7.21 0.47
O6B LGU B . -12.26 -8.21 1.18
O6A LGU B . -11.06 -6.43 0.68
O1 LGU B . -15.90 -8.75 -1.55
C1 LGU B . -10.19 -8.05 -2.85
C2 LGU B . -9.21 -9.20 -2.50
O2 LGU B . -9.23 -9.39 -1.06
C3 LGU B . -9.57 -10.53 -3.19
O3 LGU B . -10.73 -11.15 -2.56
C4 LGU B . -9.93 -10.35 -4.69
O4 LGU B . -8.72 -9.97 -5.35
C5 LGU B . -10.93 -9.24 -4.82
O5 LGU B . -10.38 -8.01 -4.27
C6 LGU B . -11.26 -8.93 -6.24
O6B LGU B . -11.26 -9.80 -7.13
O6A LGU B . -11.52 -7.73 -6.48
C1 LGU B . -7.84 -11.08 -5.70
C2 LGU B . -7.89 -11.40 -7.24
O2 LGU B . -9.28 -11.53 -7.53
C3 LGU B . -7.24 -10.31 -8.13
O3 LGU B . -8.01 -9.11 -8.10
C4 LGU B . -5.82 -9.98 -7.56
O4 LGU B . -5.12 -11.17 -7.94
C5 LGU B . -5.96 -9.68 -6.04
O5 LGU B . -6.50 -10.81 -5.30
C6 LGU B . -4.64 -9.21 -5.41
O6B LGU B . -4.28 -9.71 -4.35
O6A LGU B . -3.95 -8.31 -5.97
C1 LGU B . -4.14 -11.79 -7.10
C2 LGU B . -4.05 -13.31 -7.43
O2 LGU B . -4.20 -13.50 -8.84
C3 LGU B . -2.74 -13.85 -6.88
O3 LGU B . -2.69 -15.28 -7.00
C4 LGU B . -1.56 -13.21 -7.61
O4 LGU B . -0.47 -13.15 -6.68
C5 LGU B . -1.92 -11.82 -8.20
O5 LGU B . -2.86 -11.14 -7.35
C6 LGU B . -0.69 -10.96 -8.40
O6B LGU B . 0.17 -11.33 -9.25
O6A LGU B . -0.53 -9.93 -7.67
#